data_8HO2
#
_entry.id   8HO2
#
_cell.length_a   47.262
_cell.length_b   58.104
_cell.length_c   114.139
_cell.angle_alpha   90.00
_cell.angle_beta   90.00
_cell.angle_gamma   90.00
#
_symmetry.space_group_name_H-M   'P 21 21 21'
#
loop_
_entity.id
_entity.type
_entity.pdbx_description
1 polymer 'S-norcoclaurine synthase'
2 water water
#
_entity_poly.entity_id   1
_entity_poly.type   'polypeptide(L)'
_entity_poly.pdbx_seq_one_letter_code
;MVIGRVVNEMEVGVPADDIWAVYSSPELPRLFVQLMPNVYKKIDILQGDGTVGTVLHIELADGIPEPRTWKEKFIKIDHQ
HREKVVRQIEGGFLDMGFRVFDVIFKIIEKDACSCIIRSTTAFELDEKFENNANLITAGNLWGAAKAISNYVIQNKSKRR
NH
;
_entity_poly.pdbx_strand_id   A,B
#
# COMPACT_ATOMS: atom_id res chain seq x y z
N MET A 1 -4.89 16.18 4.52
CA MET A 1 -4.59 14.88 5.10
C MET A 1 -4.07 13.86 4.11
N VAL A 2 -3.21 12.95 4.59
CA VAL A 2 -2.74 11.84 3.78
C VAL A 2 -3.73 10.70 3.93
N ILE A 3 -4.42 10.36 2.84
CA ILE A 3 -5.24 9.17 2.79
C ILE A 3 -4.46 8.10 2.05
N GLY A 4 -4.37 6.92 2.64
CA GLY A 4 -3.49 5.90 2.09
C GLY A 4 -3.97 4.51 2.42
N ARG A 5 -3.54 3.56 1.60
CA ARG A 5 -3.87 2.15 1.86
C ARG A 5 -2.68 1.37 1.34
N VAL A 6 -2.41 0.23 1.96
CA VAL A 6 -1.56 -0.79 1.35
C VAL A 6 -2.40 -2.06 1.27
N VAL A 7 -2.17 -2.85 0.22
CA VAL A 7 -2.94 -4.06 -0.03
C VAL A 7 -1.99 -5.16 -0.49
N ASN A 8 -2.13 -6.36 0.06
CA ASN A 8 -1.50 -7.51 -0.56
C ASN A 8 -2.52 -8.64 -0.66
N GLU A 9 -2.26 -9.55 -1.59
CA GLU A 9 -3.18 -10.64 -1.90
C GLU A 9 -2.42 -11.95 -1.96
N MET A 10 -2.89 -12.96 -1.24
CA MET A 10 -2.30 -14.29 -1.24
C MET A 10 -3.31 -15.29 -1.78
N GLU A 11 -2.93 -16.04 -2.81
CA GLU A 11 -3.77 -17.12 -3.28
C GLU A 11 -3.53 -18.36 -2.42
N VAL A 12 -4.61 -19.00 -1.98
CA VAL A 12 -4.55 -20.18 -1.12
C VAL A 12 -5.41 -21.27 -1.74
N GLY A 13 -4.87 -22.50 -1.79
CA GLY A 13 -5.60 -23.60 -2.39
C GLY A 13 -6.57 -24.32 -1.47
N VAL A 14 -7.36 -23.56 -0.70
CA VAL A 14 -8.50 -24.11 0.03
C VAL A 14 -9.71 -23.17 -0.20
N PRO A 15 -10.92 -23.68 0.03
CA PRO A 15 -12.10 -22.83 -0.17
C PRO A 15 -12.09 -21.60 0.74
N ALA A 16 -12.69 -20.52 0.24
CA ALA A 16 -12.78 -19.27 1.01
C ALA A 16 -13.38 -19.49 2.38
N ASP A 17 -14.39 -20.35 2.49
CA ASP A 17 -15.05 -20.54 3.79
C ASP A 17 -14.07 -21.07 4.83
N ASP A 18 -13.11 -21.90 4.42
CA ASP A 18 -12.18 -22.49 5.37
C ASP A 18 -11.19 -21.45 5.91
N ILE A 19 -10.81 -20.48 5.09
CA ILE A 19 -9.93 -19.42 5.57
C ILE A 19 -10.72 -18.39 6.36
N TRP A 20 -11.91 -18.03 5.87
CA TRP A 20 -12.74 -17.07 6.59
C TRP A 20 -13.14 -17.59 7.97
N ALA A 21 -13.33 -18.91 8.09
CA ALA A 21 -13.69 -19.48 9.39
C ALA A 21 -12.66 -19.16 10.45
N VAL A 22 -11.40 -19.08 10.08
CA VAL A 22 -10.36 -18.76 11.06
C VAL A 22 -10.17 -17.26 11.22
N TYR A 23 -10.16 -16.49 10.12
CA TYR A 23 -10.02 -15.04 10.24
C TYR A 23 -11.15 -14.43 11.07
N SER A 24 -12.35 -14.97 10.94
CA SER A 24 -13.49 -14.48 11.70
C SER A 24 -13.62 -15.12 13.07
N SER A 25 -12.82 -16.14 13.38
CA SER A 25 -12.98 -16.87 14.64
C SER A 25 -12.51 -16.04 15.82
N PRO A 26 -13.27 -15.95 16.91
CA PRO A 26 -12.78 -15.31 18.14
C PRO A 26 -11.51 -15.95 18.71
N GLU A 27 -11.10 -17.12 18.23
CA GLU A 27 -9.84 -17.70 18.70
C GLU A 27 -8.62 -17.06 18.05
N LEU A 28 -8.82 -16.23 17.03
CA LEU A 28 -7.68 -15.65 16.32
C LEU A 28 -6.70 -14.90 17.23
N PRO A 29 -7.13 -14.12 18.23
CA PRO A 29 -6.15 -13.49 19.13
C PRO A 29 -5.17 -14.46 19.76
N ARG A 30 -5.60 -15.68 20.06
CA ARG A 30 -4.68 -16.69 20.58
C ARG A 30 -3.77 -17.22 19.46
N LEU A 31 -4.33 -17.47 18.28
CA LEU A 31 -3.53 -18.02 17.19
C LEU A 31 -2.42 -17.05 16.79
N PHE A 32 -2.66 -15.74 16.84
CA PHE A 32 -1.62 -14.79 16.48
C PHE A 32 -0.40 -14.97 17.38
N VAL A 33 -0.63 -15.07 18.69
CA VAL A 33 0.47 -15.24 19.63
C VAL A 33 1.09 -16.62 19.47
N GLN A 34 0.25 -17.62 19.28
CA GLN A 34 0.73 -19.00 19.18
C GLN A 34 1.56 -19.22 17.92
N LEU A 35 1.12 -18.68 16.79
CA LEU A 35 1.68 -19.00 15.48
C LEU A 35 2.71 -17.99 14.99
N MET A 36 2.76 -16.79 15.58
CA MET A 36 3.61 -15.71 15.08
C MET A 36 4.39 -15.09 16.25
N PRO A 37 5.20 -15.88 16.94
CA PRO A 37 5.91 -15.33 18.11
C PRO A 37 6.90 -14.24 17.78
N ASN A 38 7.42 -14.19 16.55
CA ASN A 38 8.30 -13.10 16.15
C ASN A 38 7.55 -11.81 15.84
N VAL A 39 6.21 -11.82 15.87
CA VAL A 39 5.40 -10.63 15.64
C VAL A 39 4.58 -10.25 16.86
N TYR A 40 3.81 -11.22 17.40
CA TYR A 40 2.85 -10.95 18.46
C TYR A 40 3.35 -11.53 19.78
N LYS A 41 3.62 -10.67 20.75
CA LYS A 41 4.11 -11.11 22.05
C LYS A 41 2.97 -11.42 23.02
N LYS A 42 1.96 -10.56 23.06
CA LYS A 42 0.88 -10.70 24.03
C LYS A 42 -0.37 -10.04 23.45
N ILE A 43 -1.49 -10.74 23.50
CA ILE A 43 -2.77 -10.17 23.11
C ILE A 43 -3.78 -10.48 24.21
N ASP A 44 -4.33 -9.44 24.82
CA ASP A 44 -5.35 -9.57 25.86
C ASP A 44 -6.71 -9.21 25.29
N ILE A 45 -7.74 -9.97 25.65
CA ILE A 45 -9.10 -9.66 25.29
C ILE A 45 -9.68 -8.79 26.41
N LEU A 46 -9.98 -7.54 26.12
CA LEU A 46 -10.44 -6.62 27.17
C LEU A 46 -11.94 -6.63 27.37
N GLN A 47 -12.70 -6.78 26.28
CA GLN A 47 -14.15 -6.71 26.34
C GLN A 47 -14.70 -7.47 25.13
N GLY A 48 -15.86 -8.11 25.32
CA GLY A 48 -16.60 -8.72 24.23
C GLY A 48 -16.40 -10.23 24.14
N ASP A 49 -17.22 -10.84 23.30
CA ASP A 49 -17.22 -12.30 23.13
C ASP A 49 -16.52 -12.74 21.87
N GLY A 50 -15.85 -11.84 21.17
CA GLY A 50 -15.22 -12.15 19.90
C GLY A 50 -15.98 -11.66 18.68
N THR A 51 -17.20 -11.19 18.85
CA THR A 51 -17.98 -10.64 17.74
C THR A 51 -17.74 -9.14 17.67
N VAL A 52 -18.47 -8.43 16.80
CA VAL A 52 -18.28 -6.99 16.65
C VAL A 52 -18.42 -6.29 18.00
N GLY A 53 -17.50 -5.36 18.27
CA GLY A 53 -17.42 -4.65 19.53
C GLY A 53 -16.33 -5.16 20.43
N THR A 54 -15.77 -6.33 20.13
CA THR A 54 -14.68 -6.89 20.93
C THR A 54 -13.46 -5.99 20.87
N VAL A 55 -12.83 -5.76 22.03
CA VAL A 55 -11.66 -4.90 22.14
C VAL A 55 -10.48 -5.74 22.59
N LEU A 56 -9.35 -5.57 21.92
CA LEU A 56 -8.12 -6.26 22.25
C LEU A 56 -7.03 -5.27 22.61
N HIS A 57 -6.08 -5.72 23.43
CA HIS A 57 -4.83 -5.01 23.64
C HIS A 57 -3.71 -5.82 23.01
N ILE A 58 -2.93 -5.18 22.14
CA ILE A 58 -1.86 -5.82 21.37
C ILE A 58 -0.52 -5.38 21.94
N GLU A 59 0.40 -6.33 22.10
CA GLU A 59 1.81 -6.02 22.33
C GLU A 59 2.63 -6.82 21.33
N LEU A 60 3.36 -6.11 20.47
CA LEU A 60 4.24 -6.76 19.50
C LEU A 60 5.54 -7.20 20.14
N ALA A 61 6.28 -8.04 19.43
CA ALA A 61 7.51 -8.62 19.95
C ALA A 61 8.56 -7.53 20.18
N ASP A 62 9.47 -7.81 21.12
CA ASP A 62 10.54 -6.86 21.43
C ASP A 62 11.35 -6.56 20.17
N GLY A 63 11.72 -5.30 20.01
CA GLY A 63 12.56 -4.92 18.90
C GLY A 63 11.83 -4.60 17.63
N ILE A 64 10.56 -4.98 17.51
CA ILE A 64 9.78 -4.53 16.36
C ILE A 64 9.65 -3.02 16.42
N PRO A 65 9.76 -2.30 15.32
CA PRO A 65 9.71 -0.83 15.39
C PRO A 65 8.40 -0.37 16.00
N GLU A 66 8.45 0.79 16.65
CA GLU A 66 7.24 1.38 17.18
C GLU A 66 6.27 1.66 16.04
N PRO A 67 4.96 1.54 16.28
CA PRO A 67 4.33 1.28 17.58
C PRO A 67 4.21 -0.19 17.92
N ARG A 68 4.50 -0.56 19.17
CA ARG A 68 4.41 -1.96 19.57
C ARG A 68 3.17 -2.28 20.40
N THR A 69 2.40 -1.26 20.83
CA THR A 69 1.26 -1.50 21.69
C THR A 69 0.10 -0.62 21.27
N TRP A 70 -1.11 -1.16 21.41
CA TRP A 70 -2.32 -0.39 21.12
C TRP A 70 -3.53 -1.18 21.60
N LYS A 71 -4.68 -0.52 21.59
CA LYS A 71 -5.96 -1.19 21.71
C LYS A 71 -6.66 -1.12 20.35
N GLU A 72 -7.32 -2.21 19.97
CA GLU A 72 -8.08 -2.23 18.73
C GLU A 72 -9.45 -2.83 18.97
N LYS A 73 -10.35 -2.58 18.03
CA LYS A 73 -11.75 -2.99 18.16
C LYS A 73 -12.21 -3.65 16.88
N PHE A 74 -12.92 -4.77 17.00
CA PHE A 74 -13.55 -5.40 15.84
C PHE A 74 -14.78 -4.58 15.48
N ILE A 75 -14.72 -3.81 14.39
CA ILE A 75 -15.86 -2.97 14.06
C ILE A 75 -16.72 -3.53 12.94
N LYS A 76 -16.26 -4.56 12.23
CA LYS A 76 -17.08 -5.22 11.22
C LYS A 76 -16.65 -6.67 11.07
N ILE A 77 -17.63 -7.57 11.10
CA ILE A 77 -17.40 -8.98 10.78
C ILE A 77 -18.54 -9.42 9.86
N ASP A 78 -18.37 -9.20 8.56
CA ASP A 78 -19.41 -9.37 7.55
C ASP A 78 -19.31 -10.77 6.96
N HIS A 79 -20.21 -11.67 7.40
CA HIS A 79 -20.12 -13.06 6.94
C HIS A 79 -20.58 -13.21 5.48
N GLN A 80 -21.46 -12.30 5.02
CA GLN A 80 -21.97 -12.26 3.64
C GLN A 80 -20.82 -12.15 2.67
N HIS A 81 -19.96 -11.18 2.93
CA HIS A 81 -18.87 -10.75 2.09
C HIS A 81 -17.51 -11.20 2.60
N ARG A 82 -17.47 -11.93 3.72
CA ARG A 82 -16.22 -12.42 4.30
C ARG A 82 -15.21 -11.29 4.47
N GLU A 83 -15.65 -10.21 5.14
CA GLU A 83 -14.79 -9.05 5.38
C GLU A 83 -14.79 -8.70 6.86
N LYS A 84 -13.60 -8.62 7.44
CA LYS A 84 -13.41 -8.25 8.84
C LYS A 84 -12.63 -6.95 8.90
N VAL A 85 -13.13 -5.97 9.67
CA VAL A 85 -12.45 -4.69 9.84
C VAL A 85 -12.08 -4.52 11.31
N VAL A 86 -10.82 -4.20 11.57
CA VAL A 86 -10.28 -3.99 12.91
C VAL A 86 -9.69 -2.58 12.96
N ARG A 87 -10.16 -1.77 13.89
CA ARG A 87 -9.78 -0.36 13.99
C ARG A 87 -8.97 -0.10 15.27
N GLN A 88 -7.87 0.65 15.17
CA GLN A 88 -7.16 1.01 16.39
C GLN A 88 -7.93 2.12 17.10
N ILE A 89 -8.09 1.98 18.42
CA ILE A 89 -8.88 2.92 19.19
C ILE A 89 -8.09 3.61 20.29
N GLU A 90 -6.87 3.16 20.60
CA GLU A 90 -6.06 3.80 21.61
C GLU A 90 -4.60 3.45 21.37
N GLY A 91 -3.71 4.43 21.53
CA GLY A 91 -2.30 4.18 21.36
C GLY A 91 -1.95 3.84 19.91
N GLY A 92 -0.91 3.02 19.75
CA GLY A 92 -0.54 2.57 18.42
C GLY A 92 -0.27 3.73 17.49
N PHE A 93 -0.78 3.62 16.26
CA PHE A 93 -0.53 4.67 15.27
C PHE A 93 -1.31 5.95 15.58
N LEU A 94 -2.34 5.88 16.43
CA LEU A 94 -3.04 7.10 16.79
C LEU A 94 -2.16 8.08 17.55
N ASP A 95 -1.08 7.60 18.18
CA ASP A 95 -0.15 8.48 18.86
C ASP A 95 0.97 8.96 17.94
N MET A 96 0.89 8.63 16.65
CA MET A 96 1.96 8.92 15.70
C MET A 96 1.41 9.71 14.49
N GLY A 97 0.33 10.46 14.69
CA GLY A 97 -0.21 11.33 13.68
C GLY A 97 -1.34 10.74 12.85
N PHE A 98 -1.65 9.46 13.01
CA PHE A 98 -2.74 8.85 12.27
C PHE A 98 -4.06 9.15 12.98
N ARG A 99 -5.04 9.65 12.22
CA ARG A 99 -6.36 9.87 12.81
C ARG A 99 -7.25 8.64 12.71
N VAL A 100 -7.05 7.80 11.70
CA VAL A 100 -7.76 6.54 11.55
C VAL A 100 -6.74 5.49 11.11
N PHE A 101 -6.80 4.30 11.69
CA PHE A 101 -5.90 3.23 11.29
C PHE A 101 -6.67 1.91 11.30
N ASP A 102 -7.05 1.44 10.11
CA ASP A 102 -7.88 0.25 9.96
C ASP A 102 -7.09 -0.85 9.27
N VAL A 103 -7.40 -2.09 9.66
CA VAL A 103 -6.93 -3.27 8.94
C VAL A 103 -8.16 -4.04 8.49
N ILE A 104 -8.17 -4.44 7.23
CA ILE A 104 -9.34 -5.08 6.62
C ILE A 104 -8.89 -6.40 5.99
N PHE A 105 -9.52 -7.49 6.40
CA PHE A 105 -9.28 -8.81 5.83
C PHE A 105 -10.49 -9.20 5.01
N LYS A 106 -10.29 -9.47 3.72
CA LYS A 106 -11.36 -9.93 2.84
C LYS A 106 -10.94 -11.23 2.19
N ILE A 107 -11.78 -12.25 2.31
CA ILE A 107 -11.48 -13.56 1.72
C ILE A 107 -12.33 -13.71 0.47
N ILE A 108 -11.67 -13.81 -0.68
CA ILE A 108 -12.31 -13.74 -1.99
C ILE A 108 -12.35 -15.14 -2.59
N GLU A 109 -13.53 -15.58 -3.03
CA GLU A 109 -13.62 -16.86 -3.72
C GLU A 109 -12.91 -16.76 -5.06
N LYS A 110 -12.01 -17.69 -5.31
CA LYS A 110 -11.42 -17.81 -6.65
C LYS A 110 -12.16 -18.88 -7.45
N ASP A 111 -12.19 -20.10 -6.93
CA ASP A 111 -13.07 -21.15 -7.41
C ASP A 111 -13.51 -21.97 -6.21
N ALA A 112 -14.13 -23.13 -6.47
CA ALA A 112 -14.70 -23.89 -5.37
C ALA A 112 -13.66 -24.33 -4.35
N CYS A 113 -12.39 -24.45 -4.75
CA CYS A 113 -11.36 -25.02 -3.89
C CYS A 113 -10.17 -24.08 -3.65
N SER A 114 -10.28 -22.81 -4.00
CA SER A 114 -9.17 -21.88 -3.81
C SER A 114 -9.73 -20.50 -3.55
N CYS A 115 -8.93 -19.66 -2.88
CA CYS A 115 -9.39 -18.33 -2.52
C CYS A 115 -8.21 -17.37 -2.51
N ILE A 116 -8.52 -16.09 -2.29
CA ILE A 116 -7.52 -15.04 -2.16
C ILE A 116 -7.72 -14.37 -0.81
N ILE A 117 -6.64 -14.26 -0.04
CA ILE A 117 -6.65 -13.48 1.19
C ILE A 117 -6.19 -12.08 0.81
N ARG A 118 -7.10 -11.12 0.88
CA ARG A 118 -6.75 -9.72 0.63
C ARG A 118 -6.63 -9.00 1.97
N SER A 119 -5.44 -8.51 2.27
CA SER A 119 -5.19 -7.82 3.53
C SER A 119 -4.89 -6.35 3.23
N THR A 120 -5.74 -5.47 3.72
CA THR A 120 -5.64 -4.04 3.46
C THR A 120 -5.36 -3.31 4.76
N THR A 121 -4.40 -2.39 4.72
CA THR A 121 -4.17 -1.46 5.82
C THR A 121 -4.54 -0.07 5.30
N ALA A 122 -5.54 0.56 5.92
CA ALA A 122 -6.07 1.81 5.39
C ALA A 122 -6.00 2.86 6.49
N PHE A 123 -5.54 4.06 6.14
CA PHE A 123 -5.34 5.06 7.18
C PHE A 123 -5.61 6.47 6.67
N GLU A 124 -5.80 7.36 7.63
CA GLU A 124 -5.79 8.80 7.41
C GLU A 124 -4.72 9.39 8.32
N LEU A 125 -3.83 10.20 7.75
CA LEU A 125 -2.62 10.63 8.41
C LEU A 125 -2.46 12.13 8.32
N ASP A 126 -2.13 12.76 9.45
CA ASP A 126 -1.88 14.19 9.49
C ASP A 126 -0.66 14.51 8.62
N GLU A 127 -0.79 15.51 7.76
CA GLU A 127 0.30 15.83 6.84
C GLU A 127 1.55 16.30 7.55
N LYS A 128 1.41 16.91 8.72
CA LYS A 128 2.60 17.24 9.51
C LYS A 128 3.41 16.01 9.87
N PHE A 129 2.81 14.81 9.81
CA PHE A 129 3.51 13.56 10.09
C PHE A 129 3.55 12.65 8.88
N GLU A 130 3.55 13.23 7.67
CA GLU A 130 3.41 12.39 6.46
C GLU A 130 4.52 11.36 6.34
N ASN A 131 5.73 11.64 6.83
CA ASN A 131 6.79 10.66 6.67
C ASN A 131 6.48 9.35 7.39
N ASN A 132 5.55 9.37 8.36
CA ASN A 132 5.18 8.14 9.04
C ASN A 132 4.38 7.21 8.13
N ALA A 133 3.90 7.69 6.98
CA ALA A 133 3.27 6.81 6.02
C ALA A 133 4.24 5.73 5.55
N ASN A 134 5.54 6.03 5.58
CA ASN A 134 6.56 5.08 5.18
C ASN A 134 6.74 3.94 6.18
N LEU A 135 6.12 4.03 7.36
CA LEU A 135 6.13 2.90 8.29
C LEU A 135 5.21 1.78 7.82
N ILE A 136 4.28 2.10 6.92
CA ILE A 136 3.25 1.17 6.46
C ILE A 136 3.72 0.63 5.12
N THR A 137 4.05 -0.66 5.07
CA THR A 137 4.65 -1.25 3.89
C THR A 137 3.71 -2.27 3.26
N ALA A 138 3.95 -2.56 1.98
CA ALA A 138 3.09 -3.45 1.21
C ALA A 138 3.09 -4.86 1.76
N GLY A 139 4.08 -5.22 2.58
CA GLY A 139 4.12 -6.51 3.24
C GLY A 139 3.31 -6.61 4.52
N ASN A 140 2.73 -5.51 4.99
CA ASN A 140 1.96 -5.55 6.24
C ASN A 140 0.87 -6.61 6.16
N LEU A 141 0.81 -7.47 7.18
CA LEU A 141 -0.19 -8.53 7.39
C LEU A 141 0.05 -9.74 6.50
N TRP A 142 1.06 -9.72 5.63
CA TRP A 142 1.35 -10.90 4.81
C TRP A 142 1.75 -12.08 5.66
N GLY A 143 2.56 -11.84 6.71
CA GLY A 143 2.96 -12.91 7.59
C GLY A 143 1.78 -13.59 8.26
N ALA A 144 0.76 -12.82 8.63
CA ALA A 144 -0.45 -13.41 9.22
C ALA A 144 -1.20 -14.26 8.20
N ALA A 145 -1.30 -13.79 6.96
CA ALA A 145 -1.93 -14.61 5.93
C ALA A 145 -1.18 -15.91 5.76
N LYS A 146 0.14 -15.83 5.89
CA LYS A 146 0.94 -17.02 5.71
C LYS A 146 0.72 -17.99 6.87
N ALA A 147 0.66 -17.46 8.09
CA ALA A 147 0.49 -18.30 9.27
C ALA A 147 -0.88 -18.93 9.31
N ILE A 148 -1.92 -18.17 8.97
CA ILE A 148 -3.28 -18.69 9.05
C ILE A 148 -3.54 -19.71 7.95
N SER A 149 -3.16 -19.39 6.71
CA SER A 149 -3.29 -20.37 5.63
C SER A 149 -2.55 -21.66 5.97
N ASN A 150 -1.33 -21.55 6.50
CA ASN A 150 -0.56 -22.73 6.88
C ASN A 150 -1.28 -23.55 7.96
N TYR A 151 -1.85 -22.87 8.96
CA TYR A 151 -2.61 -23.55 9.99
C TYR A 151 -3.76 -24.36 9.40
N VAL A 152 -4.49 -23.75 8.45
CA VAL A 152 -5.64 -24.44 7.87
C VAL A 152 -5.17 -25.60 6.99
N ILE A 153 -4.13 -25.38 6.19
CA ILE A 153 -3.68 -26.40 5.24
C ILE A 153 -3.15 -27.62 5.99
N GLN A 154 -2.26 -27.41 6.93
CA GLN A 154 -1.65 -28.56 7.60
C GLN A 154 -2.64 -29.30 8.49
N ASN A 155 -3.63 -28.60 9.02
CA ASN A 155 -4.61 -29.32 9.81
C ASN A 155 -5.50 -30.19 8.95
N LYS A 156 -5.67 -29.86 7.67
CA LYS A 156 -6.41 -30.76 6.78
C LYS A 156 -5.58 -31.97 6.44
N SER A 157 -4.27 -31.80 6.36
CA SER A 157 -3.34 -32.92 6.20
C SER A 157 -3.33 -33.81 7.43
N MET B 1 2.54 -15.90 -6.20
CA MET B 1 3.11 -14.56 -6.27
C MET B 1 2.55 -13.65 -5.19
N VAL B 2 3.32 -12.64 -4.82
CA VAL B 2 2.79 -11.57 -3.99
C VAL B 2 2.19 -10.54 -4.94
N ILE B 3 0.86 -10.38 -4.88
CA ILE B 3 0.11 -9.32 -5.56
C ILE B 3 -0.02 -8.18 -4.56
N GLY B 4 0.43 -6.98 -4.92
CA GLY B 4 0.42 -5.92 -3.92
C GLY B 4 0.35 -4.53 -4.50
N ARG B 5 -0.16 -3.59 -3.70
CA ARG B 5 -0.19 -2.19 -4.12
C ARG B 5 -0.14 -1.28 -2.90
N VAL B 6 0.44 -0.10 -3.07
CA VAL B 6 0.30 0.99 -2.09
C VAL B 6 -0.33 2.17 -2.82
N VAL B 7 -1.14 2.94 -2.09
CA VAL B 7 -1.87 4.06 -2.67
C VAL B 7 -1.87 5.20 -1.67
N ASN B 8 -1.61 6.42 -2.15
CA ASN B 8 -1.92 7.59 -1.34
C ASN B 8 -2.70 8.59 -2.18
N GLU B 9 -3.46 9.43 -1.48
CA GLU B 9 -4.35 10.40 -2.11
C GLU B 9 -4.16 11.77 -1.48
N MET B 10 -3.94 12.78 -2.32
CA MET B 10 -3.76 14.16 -1.89
C MET B 10 -4.89 15.01 -2.48
N GLU B 11 -5.59 15.75 -1.63
CA GLU B 11 -6.59 16.69 -2.11
C GLU B 11 -5.90 17.99 -2.53
N VAL B 12 -6.27 18.50 -3.71
CA VAL B 12 -5.69 19.73 -4.24
C VAL B 12 -6.81 20.65 -4.66
N GLY B 13 -6.73 21.92 -4.24
CA GLY B 13 -7.75 22.89 -4.58
C GLY B 13 -7.56 23.58 -5.92
N VAL B 14 -7.25 22.81 -6.96
CA VAL B 14 -7.28 23.32 -8.33
C VAL B 14 -8.02 22.29 -9.19
N PRO B 15 -8.48 22.69 -10.38
CA PRO B 15 -9.20 21.74 -11.24
C PRO B 15 -8.33 20.56 -11.66
N ALA B 16 -8.97 19.40 -11.81
CA ALA B 16 -8.28 18.20 -12.24
C ALA B 16 -7.49 18.43 -13.52
N ASP B 17 -8.03 19.23 -14.45
CA ASP B 17 -7.36 19.43 -15.73
C ASP B 17 -5.98 20.05 -15.54
N ASP B 18 -5.84 20.95 -14.57
CA ASP B 18 -4.57 21.65 -14.39
C ASP B 18 -3.51 20.73 -13.82
N ILE B 19 -3.92 19.79 -12.96
CA ILE B 19 -2.96 18.84 -12.41
C ILE B 19 -2.64 17.76 -13.43
N TRP B 20 -3.66 17.24 -14.13
CA TRP B 20 -3.41 16.22 -15.16
C TRP B 20 -2.57 16.77 -16.29
N ALA B 21 -2.70 18.07 -16.59
CA ALA B 21 -1.90 18.66 -17.66
C ALA B 21 -0.40 18.52 -17.38
N VAL B 22 0.00 18.56 -16.12
CA VAL B 22 1.42 18.41 -15.78
C VAL B 22 1.82 16.95 -15.62
N TYR B 23 1.02 16.14 -14.92
CA TYR B 23 1.38 14.72 -14.77
C TYR B 23 1.48 14.02 -16.12
N SER B 24 0.65 14.41 -17.08
CA SER B 24 0.67 13.82 -18.42
C SER B 24 1.68 14.49 -19.34
N SER B 25 2.25 15.61 -18.94
CA SER B 25 3.13 16.36 -19.83
C SER B 25 4.46 15.65 -20.03
N PRO B 26 4.95 15.54 -21.26
CA PRO B 26 6.31 15.02 -21.49
C PRO B 26 7.41 15.82 -20.77
N GLU B 27 7.12 17.00 -20.23
CA GLU B 27 8.12 17.73 -19.46
C GLU B 27 8.29 17.20 -18.04
N LEU B 28 7.41 16.30 -17.60
CA LEU B 28 7.48 15.81 -16.23
C LEU B 28 8.84 15.24 -15.85
N PRO B 29 9.52 14.47 -16.71
CA PRO B 29 10.88 13.99 -16.33
C PRO B 29 11.84 15.11 -15.94
N ARG B 30 11.74 16.28 -16.59
CA ARG B 30 12.59 17.40 -16.19
C ARG B 30 12.12 18.00 -14.88
N LEU B 31 10.81 18.14 -14.69
CA LEU B 31 10.32 18.72 -13.45
C LEU B 31 10.70 17.87 -12.24
N PHE B 32 10.74 16.55 -12.39
CA PHE B 32 11.10 15.70 -11.26
C PHE B 32 12.52 16.02 -10.78
N VAL B 33 13.47 16.16 -11.71
CA VAL B 33 14.85 16.47 -11.33
C VAL B 33 14.97 17.91 -10.84
N GLN B 34 14.27 18.82 -11.50
CA GLN B 34 14.33 20.23 -11.13
C GLN B 34 13.74 20.47 -9.75
N LEU B 35 12.62 19.83 -9.43
CA LEU B 35 11.91 20.10 -8.19
C LEU B 35 12.25 19.13 -7.06
N MET B 36 12.80 17.96 -7.35
CA MET B 36 13.10 16.97 -6.32
C MET B 36 14.49 16.38 -6.51
N PRO B 37 15.52 17.22 -6.53
CA PRO B 37 16.88 16.69 -6.70
C PRO B 37 17.31 15.81 -5.55
N ASN B 38 16.66 15.91 -4.39
CA ASN B 38 16.94 15.04 -3.27
C ASN B 38 16.46 13.61 -3.52
N VAL B 39 15.64 13.38 -4.56
CA VAL B 39 15.15 12.07 -4.91
C VAL B 39 15.65 11.64 -6.29
N TYR B 40 15.49 12.51 -7.30
CA TYR B 40 15.82 12.15 -8.67
C TYR B 40 17.09 12.90 -9.05
N LYS B 41 18.17 12.15 -9.27
CA LYS B 41 19.44 12.75 -9.62
C LYS B 41 19.51 13.04 -11.12
N LYS B 42 19.03 12.10 -11.94
CA LYS B 42 19.15 12.21 -13.38
C LYS B 42 18.02 11.42 -14.02
N ILE B 43 17.35 12.01 -15.00
CA ILE B 43 16.37 11.29 -15.80
C ILE B 43 16.67 11.57 -17.27
N ASP B 44 16.98 10.53 -18.02
CA ASP B 44 17.26 10.62 -19.44
C ASP B 44 16.08 10.10 -20.25
N ILE B 45 15.77 10.77 -21.34
CA ILE B 45 14.75 10.29 -22.28
C ILE B 45 15.47 9.44 -23.31
N LEU B 46 15.20 8.14 -23.34
CA LEU B 46 15.91 7.26 -24.26
C LEU B 46 15.24 7.13 -25.62
N GLN B 47 13.91 7.14 -25.64
CA GLN B 47 13.18 6.95 -26.88
C GLN B 47 11.80 7.55 -26.70
N GLY B 48 11.25 8.11 -27.78
CA GLY B 48 9.88 8.57 -27.80
C GLY B 48 9.75 10.07 -27.63
N ASP B 49 8.53 10.55 -27.86
CA ASP B 49 8.20 11.97 -27.82
C ASP B 49 7.41 12.36 -26.57
N GLY B 50 7.27 11.47 -25.60
CA GLY B 50 6.47 11.72 -24.42
C GLY B 50 5.12 11.02 -24.42
N THR B 51 4.72 10.42 -25.55
CA THR B 51 3.45 9.69 -25.61
C THR B 51 3.71 8.24 -25.24
N VAL B 52 2.68 7.41 -25.34
CA VAL B 52 2.82 5.99 -25.00
C VAL B 52 3.97 5.38 -25.79
N GLY B 53 4.79 4.60 -25.09
CA GLY B 53 5.97 3.99 -25.67
C GLY B 53 7.25 4.69 -25.31
N THR B 54 7.17 5.91 -24.77
CA THR B 54 8.36 6.64 -24.35
C THR B 54 9.09 5.89 -23.24
N VAL B 55 10.41 5.84 -23.34
CA VAL B 55 11.25 5.14 -22.37
C VAL B 55 12.17 6.14 -21.69
N LEU B 56 12.26 6.05 -20.37
CA LEU B 56 13.13 6.89 -19.56
C LEU B 56 14.13 6.03 -18.81
N HIS B 57 15.30 6.62 -18.54
CA HIS B 57 16.28 6.04 -17.63
C HIS B 57 16.34 6.90 -16.39
N ILE B 58 16.13 6.30 -15.22
CA ILE B 58 16.09 7.00 -13.94
C ILE B 58 17.33 6.66 -13.15
N GLU B 59 17.94 7.67 -12.54
CA GLU B 59 18.97 7.49 -11.52
C GLU B 59 18.55 8.31 -10.31
N LEU B 60 18.31 7.63 -9.19
CA LEU B 60 17.93 8.29 -7.97
C LEU B 60 19.15 8.88 -7.27
N ALA B 61 18.90 9.82 -6.36
CA ALA B 61 19.97 10.51 -5.67
C ALA B 61 20.73 9.57 -4.75
N ASP B 62 21.99 9.89 -4.50
CA ASP B 62 22.80 9.10 -3.58
C ASP B 62 22.12 9.11 -2.21
N GLY B 63 22.14 7.97 -1.54
CA GLY B 63 21.54 7.85 -0.24
C GLY B 63 20.10 7.40 -0.25
N ILE B 64 19.41 7.50 -1.38
CA ILE B 64 18.12 6.83 -1.52
C ILE B 64 18.36 5.32 -1.54
N PRO B 65 17.53 4.52 -0.88
CA PRO B 65 17.80 3.07 -0.84
C PRO B 65 17.77 2.45 -2.23
N GLU B 66 18.53 1.36 -2.38
CA GLU B 66 18.47 0.59 -3.61
C GLU B 66 17.06 0.05 -3.79
N PRO B 67 16.58 -0.08 -5.04
CA PRO B 67 17.33 0.12 -6.29
C PRO B 67 17.32 1.58 -6.75
N ARG B 68 18.46 2.07 -7.21
CA ARG B 68 18.57 3.48 -7.61
C ARG B 68 18.51 3.72 -9.11
N THR B 69 18.53 2.68 -9.94
CA THR B 69 18.56 2.91 -11.37
C THR B 69 17.61 1.94 -12.07
N TRP B 70 16.96 2.42 -13.13
CA TRP B 70 16.08 1.57 -13.91
C TRP B 70 15.71 2.28 -15.20
N LYS B 71 15.08 1.52 -16.10
CA LYS B 71 14.38 2.08 -17.25
C LYS B 71 12.89 1.86 -17.04
N GLU B 72 12.08 2.84 -17.42
CA GLU B 72 10.63 2.70 -17.36
C GLU B 72 10.02 3.17 -18.66
N LYS B 73 8.77 2.76 -18.89
CA LYS B 73 8.08 3.04 -20.13
C LYS B 73 6.67 3.52 -19.85
N PHE B 74 6.23 4.55 -20.58
CA PHE B 74 4.85 5.01 -20.48
C PHE B 74 3.97 4.02 -21.23
N ILE B 75 3.19 3.20 -20.52
CA ILE B 75 2.40 2.22 -21.25
C ILE B 75 0.95 2.64 -21.40
N LYS B 76 0.50 3.65 -20.65
CA LYS B 76 -0.85 4.17 -20.84
C LYS B 76 -0.87 5.64 -20.45
N ILE B 77 -1.44 6.47 -21.30
CA ILE B 77 -1.70 7.88 -20.99
C ILE B 77 -3.15 8.14 -21.41
N ASP B 78 -4.07 7.85 -20.49
CA ASP B 78 -5.51 7.84 -20.76
C ASP B 78 -6.04 9.24 -20.41
N HIS B 79 -6.28 10.06 -21.44
CA HIS B 79 -6.70 11.43 -21.18
C HIS B 79 -8.15 11.49 -20.71
N GLN B 80 -8.98 10.54 -21.15
CA GLN B 80 -10.39 10.56 -20.78
C GLN B 80 -10.56 10.31 -19.28
N HIS B 81 -9.78 9.38 -18.73
CA HIS B 81 -9.87 9.01 -17.31
C HIS B 81 -8.77 9.65 -16.48
N ARG B 82 -7.91 10.46 -17.09
CA ARG B 82 -6.80 11.13 -16.41
C ARG B 82 -5.94 10.13 -15.64
N GLU B 83 -5.53 9.06 -16.32
CA GLU B 83 -4.73 8.01 -15.72
C GLU B 83 -3.48 7.76 -16.56
N LYS B 84 -2.32 7.80 -15.91
CA LYS B 84 -1.04 7.52 -16.54
C LYS B 84 -0.43 6.30 -15.88
N VAL B 85 0.01 5.32 -16.68
CA VAL B 85 0.63 4.11 -16.16
C VAL B 85 2.07 4.05 -16.64
N VAL B 86 3.00 3.89 -15.71
CA VAL B 86 4.43 3.84 -15.99
C VAL B 86 4.97 2.52 -15.47
N ARG B 87 5.58 1.73 -16.34
CA ARG B 87 6.03 0.39 -16.01
C ARG B 87 7.55 0.30 -16.06
N GLN B 88 8.17 -0.31 -15.03
CA GLN B 88 9.61 -0.53 -15.13
C GLN B 88 9.87 -1.67 -16.10
N ILE B 89 10.86 -1.48 -16.97
CA ILE B 89 11.14 -2.44 -18.04
C ILE B 89 12.55 -3.01 -17.98
N GLU B 90 13.42 -2.47 -17.14
CA GLU B 90 14.78 -2.97 -17.00
C GLU B 90 15.31 -2.46 -15.66
N GLY B 91 16.03 -3.33 -14.95
CA GLY B 91 16.63 -2.89 -13.70
C GLY B 91 15.60 -2.60 -12.61
N GLY B 92 15.95 -1.67 -11.73
CA GLY B 92 15.02 -1.26 -10.70
C GLY B 92 14.57 -2.42 -9.84
N PHE B 93 13.27 -2.47 -9.54
CA PHE B 93 12.75 -3.55 -8.73
C PHE B 93 12.71 -4.88 -9.47
N LEU B 94 12.84 -4.88 -10.80
CA LEU B 94 12.91 -6.13 -11.54
C LEU B 94 14.15 -6.94 -11.17
N ASP B 95 15.15 -6.31 -10.58
CA ASP B 95 16.35 -7.01 -10.13
C ASP B 95 16.21 -7.53 -8.72
N MET B 96 15.06 -7.34 -8.09
CA MET B 96 14.84 -7.69 -6.70
C MET B 96 13.62 -8.58 -6.53
N GLY B 97 13.29 -9.37 -7.56
CA GLY B 97 12.22 -10.34 -7.47
C GLY B 97 10.87 -9.86 -7.95
N PHE B 98 10.73 -8.59 -8.30
CA PHE B 98 9.45 -8.09 -8.79
C PHE B 98 9.33 -8.44 -10.27
N ARG B 99 8.22 -9.06 -10.63
CA ARG B 99 8.01 -9.41 -12.03
C ARG B 99 7.27 -8.32 -12.80
N VAL B 100 6.45 -7.53 -12.10
CA VAL B 100 5.79 -6.36 -12.67
C VAL B 100 5.87 -5.25 -11.63
N PHE B 101 6.22 -4.04 -12.07
CA PHE B 101 6.33 -2.91 -11.15
C PHE B 101 5.78 -1.68 -11.87
N ASP B 102 4.55 -1.30 -11.51
CA ASP B 102 3.83 -0.21 -12.14
C ASP B 102 3.63 0.94 -11.17
N VAL B 103 3.66 2.15 -11.71
CA VAL B 103 3.24 3.35 -11.00
C VAL B 103 2.08 3.94 -11.80
N ILE B 104 0.99 4.27 -11.10
CA ILE B 104 -0.22 4.74 -11.75
C ILE B 104 -0.62 6.05 -11.10
N PHE B 105 -0.72 7.11 -11.91
CA PHE B 105 -1.18 8.40 -11.42
C PHE B 105 -2.59 8.60 -11.97
N LYS B 106 -3.55 8.80 -11.09
CA LYS B 106 -4.91 9.09 -11.52
C LYS B 106 -5.35 10.38 -10.86
N ILE B 107 -5.82 11.33 -11.67
CA ILE B 107 -6.29 12.62 -11.16
C ILE B 107 -7.81 12.59 -11.17
N ILE B 108 -8.41 12.67 -9.98
CA ILE B 108 -9.84 12.45 -9.82
C ILE B 108 -10.48 13.81 -9.60
N GLU B 109 -11.42 14.17 -10.48
CA GLU B 109 -12.17 15.40 -10.31
C GLU B 109 -13.16 15.23 -9.17
N LYS B 110 -13.15 16.17 -8.23
CA LYS B 110 -14.16 16.20 -7.16
C LYS B 110 -15.30 17.14 -7.48
N ASP B 111 -15.00 18.41 -7.67
CA ASP B 111 -15.94 19.37 -8.21
C ASP B 111 -15.17 20.21 -9.21
N ALA B 112 -15.76 21.29 -9.71
CA ALA B 112 -15.13 22.03 -10.79
C ALA B 112 -13.79 22.62 -10.39
N CYS B 113 -13.56 22.86 -9.09
CA CYS B 113 -12.37 23.59 -8.68
C CYS B 113 -11.43 22.78 -7.80
N SER B 114 -11.63 21.47 -7.67
CA SER B 114 -10.81 20.68 -6.77
C SER B 114 -10.67 19.26 -7.29
N CYS B 115 -9.57 18.60 -6.92
CA CYS B 115 -9.31 17.26 -7.40
C CYS B 115 -8.52 16.47 -6.36
N ILE B 116 -8.28 15.20 -6.69
CA ILE B 116 -7.47 14.31 -5.86
C ILE B 116 -6.37 13.73 -6.72
N ILE B 117 -5.13 13.79 -6.24
CA ILE B 117 -4.02 13.08 -6.86
C ILE B 117 -3.95 11.71 -6.20
N ARG B 118 -4.26 10.66 -6.95
CA ARG B 118 -4.11 9.29 -6.47
C ARG B 118 -2.87 8.68 -7.10
N SER B 119 -1.89 8.33 -6.27
CA SER B 119 -0.63 7.76 -6.73
C SER B 119 -0.57 6.32 -6.25
N THR B 120 -0.56 5.38 -7.19
CA THR B 120 -0.59 3.96 -6.87
C THR B 120 0.72 3.33 -7.32
N THR B 121 1.31 2.50 -6.45
CA THR B 121 2.43 1.65 -6.84
C THR B 121 1.94 0.22 -6.75
N ALA B 122 1.93 -0.49 -7.89
CA ALA B 122 1.31 -1.81 -7.96
C ALA B 122 2.31 -2.81 -8.52
N PHE B 123 2.37 -3.99 -7.91
CA PHE B 123 3.42 -4.91 -8.31
C PHE B 123 2.97 -6.36 -8.20
N GLU B 124 3.73 -7.22 -8.86
CA GLU B 124 3.71 -8.66 -8.65
C GLU B 124 5.11 -9.09 -8.26
N LEU B 125 5.23 -9.85 -7.16
CA LEU B 125 6.51 -10.13 -6.54
C LEU B 125 6.67 -11.63 -6.32
N ASP B 126 7.82 -12.18 -6.71
CA ASP B 126 8.11 -13.60 -6.49
C ASP B 126 8.20 -13.88 -4.99
N GLU B 127 7.55 -14.96 -4.53
CA GLU B 127 7.50 -15.25 -3.10
C GLU B 127 8.89 -15.55 -2.50
N LYS B 128 9.84 -16.07 -3.30
CA LYS B 128 11.21 -16.11 -2.80
C LYS B 128 11.76 -14.76 -2.41
N PHE B 129 11.17 -13.69 -2.89
CA PHE B 129 11.61 -12.37 -2.49
C PHE B 129 10.49 -11.64 -1.76
N GLU B 130 9.59 -12.40 -1.11
CA GLU B 130 8.39 -11.79 -0.53
C GLU B 130 8.73 -10.72 0.51
N ASN B 131 9.86 -10.87 1.20
CA ASN B 131 10.26 -9.85 2.16
C ASN B 131 10.54 -8.50 1.50
N ASN B 132 10.81 -8.49 0.19
CA ASN B 132 11.08 -7.23 -0.49
C ASN B 132 9.83 -6.38 -0.65
N ALA B 133 8.64 -6.93 -0.38
CA ALA B 133 7.44 -6.13 -0.39
C ALA B 133 7.52 -4.99 0.61
N ASN B 134 8.28 -5.18 1.69
CA ASN B 134 8.45 -4.14 2.70
C ASN B 134 9.29 -2.97 2.22
N LEU B 135 9.89 -3.07 1.03
CA LEU B 135 10.56 -1.91 0.46
C LEU B 135 9.59 -0.89 -0.10
N ILE B 136 8.35 -1.30 -0.35
CA ILE B 136 7.34 -0.47 -1.00
C ILE B 136 6.44 0.08 0.11
N THR B 137 6.48 1.40 0.32
CA THR B 137 5.77 2.00 1.45
C THR B 137 4.66 2.93 0.98
N ALA B 138 3.71 3.18 1.89
CA ALA B 138 2.53 3.98 1.58
C ALA B 138 2.85 5.42 1.25
N GLY B 139 4.04 5.89 1.62
CA GLY B 139 4.45 7.22 1.21
C GLY B 139 5.01 7.33 -0.19
N ASN B 140 5.16 6.22 -0.92
CA ASN B 140 5.76 6.29 -2.25
C ASN B 140 5.01 7.25 -3.16
N LEU B 141 5.76 8.16 -3.79
CA LEU B 141 5.31 9.17 -4.75
C LEU B 141 4.57 10.34 -4.10
N TRP B 142 4.43 10.35 -2.78
CA TRP B 142 3.79 11.49 -2.12
C TRP B 142 4.59 12.77 -2.34
N GLY B 143 5.92 12.68 -2.29
CA GLY B 143 6.73 13.87 -2.54
C GLY B 143 6.50 14.46 -3.93
N ALA B 144 6.30 13.60 -4.94
CA ALA B 144 6.00 14.09 -6.27
C ALA B 144 4.66 14.80 -6.30
N ALA B 145 3.68 14.27 -5.57
CA ALA B 145 2.39 14.96 -5.50
C ALA B 145 2.56 16.35 -4.87
N LYS B 146 3.42 16.47 -3.86
CA LYS B 146 3.63 17.78 -3.25
C LYS B 146 4.31 18.72 -4.23
N ALA B 147 5.30 18.23 -4.97
CA ALA B 147 6.05 19.09 -5.87
C ALA B 147 5.18 19.55 -7.04
N ILE B 148 4.39 18.64 -7.61
CA ILE B 148 3.60 19.00 -8.79
C ILE B 148 2.42 19.87 -8.38
N SER B 149 1.71 19.52 -7.31
CA SER B 149 0.63 20.37 -6.84
C SER B 149 1.14 21.78 -6.57
N ASN B 150 2.28 21.90 -5.89
CA ASN B 150 2.82 23.24 -5.61
C ASN B 150 3.18 23.98 -6.90
N TYR B 151 3.82 23.28 -7.84
CA TYR B 151 4.16 23.89 -9.12
C TYR B 151 2.92 24.45 -9.81
N VAL B 152 1.81 23.68 -9.80
CA VAL B 152 0.60 24.14 -10.48
C VAL B 152 -0.06 25.29 -9.70
N ILE B 153 -0.15 25.16 -8.39
CA ILE B 153 -0.84 26.17 -7.58
C ILE B 153 -0.13 27.52 -7.67
N GLN B 154 1.18 27.53 -7.41
CA GLN B 154 1.91 28.78 -7.35
C GLN B 154 1.98 29.48 -8.71
N ASN B 155 2.03 28.71 -9.79
CA ASN B 155 2.07 29.28 -11.14
C ASN B 155 0.74 29.86 -11.59
N LYS B 156 -0.37 29.48 -10.98
CA LYS B 156 -1.66 30.03 -11.37
C LYS B 156 -1.76 31.52 -11.02
#